data_5HON
#
_entry.id   5HON
#
_cell.length_a   39.408
_cell.length_b   77.150
_cell.length_c   68.622
_cell.angle_alpha   90.00
_cell.angle_beta   106.68
_cell.angle_gamma   90.00
#
_symmetry.space_group_name_H-M   'P 1 21 1'
#
loop_
_entity.id
_entity.type
_entity.pdbx_description
1 polymer 'Extracellular arabinanase'
2 branched alpha-L-arabinofuranose-(1-5)-alpha-L-arabinofuranose-(1-5)-alpha-L-arabinofuranose
3 non-polymer 'CALCIUM ION'
4 water water
#
_entity_poly.entity_id   1
_entity_poly.type   'polypeptide(L)'
_entity_poly.pdbx_seq_one_letter_code
;EEAKLTAHYSFDNNDLSDSTGNFGPGTITGNRIDNEGGTIAYADGKIGKAAVLNGQSGIRLPDGLVSSNQYSVSLWVKPE
QLTTHTTTFFGAKDPNHWISLVPQGWDGNTMLWSGSSPWYDGRTFWKIPTGQWTHLAFSVDNGAVKVYINGVEKFSGTNF
PDVFTGANASFALGVNWWDPPFKGLIDELRIYEGALTPSQVTDLAQTSE
;
_entity_poly.pdbx_strand_id   A,B
#
loop_
_chem_comp.id
_chem_comp.type
_chem_comp.name
_chem_comp.formula
AHR L-saccharide, alpha linking alpha-L-arabinofuranose 'C5 H10 O5'
CA non-polymer 'CALCIUM ION' 'Ca 2'
#
# COMPACT_ATOMS: atom_id res chain seq x y z
N GLU A 1 -11.14 -8.74 3.77
CA GLU A 1 -10.78 -8.59 2.36
C GLU A 1 -10.43 -7.13 2.04
N GLU A 2 -9.17 -6.78 2.26
CA GLU A 2 -8.68 -5.43 1.97
C GLU A 2 -8.77 -5.09 0.49
N ALA A 3 -8.99 -3.82 0.18
CA ALA A 3 -9.11 -3.39 -1.21
C ALA A 3 -7.79 -3.57 -1.93
N LYS A 4 -7.87 -4.09 -3.15
CA LYS A 4 -6.68 -4.35 -3.94
C LYS A 4 -6.30 -3.15 -4.79
N LEU A 5 -5.03 -2.77 -4.73
CA LEU A 5 -4.51 -1.64 -5.48
C LEU A 5 -4.34 -1.98 -6.96
N THR A 6 -4.69 -1.04 -7.82
CA THR A 6 -4.63 -1.25 -9.26
C THR A 6 -3.82 -0.19 -9.99
N ALA A 7 -3.81 1.02 -9.43
CA ALA A 7 -3.20 2.15 -10.10
C ALA A 7 -2.73 3.17 -9.09
N HIS A 8 -1.55 3.72 -9.34
CA HIS A 8 -0.95 4.71 -8.46
C HIS A 8 -0.34 5.84 -9.29
N TYR A 9 -1.10 6.90 -9.50
CA TYR A 9 -0.55 8.07 -10.15
C TYR A 9 0.04 9.00 -9.08
N SER A 10 1.36 9.00 -8.98
CA SER A 10 2.05 9.69 -7.89
C SER A 10 2.70 11.00 -8.30
N PHE A 11 2.95 11.17 -9.60
CA PHE A 11 3.63 12.34 -10.17
C PHE A 11 5.06 12.49 -9.63
N ASP A 12 5.49 11.56 -8.78
CA ASP A 12 6.81 11.58 -8.15
C ASP A 12 7.95 11.78 -9.14
N ASN A 13 7.77 11.26 -10.34
CA ASN A 13 8.80 11.31 -11.37
C ASN A 13 8.51 12.39 -12.40
N ASN A 14 7.71 13.38 -12.01
CA ASN A 14 7.38 14.51 -12.86
C ASN A 14 6.86 14.06 -14.22
N ASP A 15 6.02 13.04 -14.17
CA ASP A 15 5.28 12.58 -15.33
C ASP A 15 3.91 12.09 -14.90
N LEU A 16 3.10 11.67 -15.86
CA LEU A 16 1.73 11.24 -15.57
C LEU A 16 1.61 9.73 -15.69
N SER A 17 2.65 9.02 -15.29
CA SER A 17 2.70 7.57 -15.40
C SER A 17 2.13 6.85 -14.18
N ASP A 18 1.64 5.63 -14.42
CA ASP A 18 1.18 4.74 -13.36
C ASP A 18 2.35 3.89 -12.87
N SER A 19 2.76 4.11 -11.63
CA SER A 19 3.93 3.45 -11.07
C SER A 19 3.76 1.94 -10.89
N THR A 20 2.53 1.44 -10.91
CA THR A 20 2.32 0.00 -10.79
C THR A 20 2.47 -0.69 -12.14
N GLY A 21 2.48 0.09 -13.22
CA GLY A 21 2.72 -0.45 -14.54
C GLY A 21 1.51 -1.09 -15.21
N ASN A 22 0.38 -1.11 -14.50
CA ASN A 22 -0.84 -1.73 -14.99
C ASN A 22 -1.52 -0.94 -16.09
N PHE A 23 -1.50 0.38 -15.97
CA PHE A 23 -2.24 1.27 -16.87
C PHE A 23 -1.33 2.21 -17.62
N GLY A 24 -1.71 2.53 -18.84
CA GLY A 24 -1.00 3.50 -19.65
C GLY A 24 -0.99 4.85 -18.96
N PRO A 25 -0.10 5.74 -19.40
CA PRO A 25 0.01 7.03 -18.71
C PRO A 25 -1.20 7.92 -19.01
N GLY A 26 -1.33 8.98 -18.24
CA GLY A 26 -2.37 9.97 -18.47
C GLY A 26 -1.95 10.98 -19.52
N THR A 27 -2.95 11.64 -20.11
CA THR A 27 -2.76 12.63 -21.17
C THR A 27 -2.96 14.04 -20.57
N ILE A 28 -2.68 15.10 -21.31
CA ILE A 28 -3.00 16.45 -20.85
C ILE A 28 -4.20 16.99 -21.62
N THR A 29 -5.17 17.55 -20.89
CA THR A 29 -6.35 18.11 -21.53
C THR A 29 -6.34 19.64 -21.47
N GLY A 30 -7.28 20.25 -22.18
CA GLY A 30 -7.52 21.68 -22.04
C GLY A 30 -8.39 21.85 -20.82
N ASN A 31 -9.38 22.73 -20.88
CA ASN A 31 -10.15 23.02 -19.67
C ASN A 31 -11.34 22.07 -19.51
N ARG A 32 -11.44 21.08 -20.39
CA ARG A 32 -12.48 20.06 -20.31
C ARG A 32 -11.87 18.69 -20.51
N ILE A 33 -12.64 17.64 -20.27
CA ILE A 33 -12.13 16.28 -20.35
C ILE A 33 -11.85 15.87 -21.79
N ASP A 34 -12.57 16.49 -22.72
CA ASP A 34 -12.57 16.06 -24.11
C ASP A 34 -11.89 17.06 -25.04
N ASN A 35 -10.94 17.81 -24.50
CA ASN A 35 -10.18 18.76 -25.32
C ASN A 35 -8.71 18.77 -24.95
N GLU A 36 -7.90 19.48 -25.73
CA GLU A 36 -6.45 19.47 -25.52
C GLU A 36 -5.90 20.89 -25.44
N GLY A 37 -4.62 21.00 -25.13
CA GLY A 37 -3.94 22.28 -25.09
C GLY A 37 -3.72 22.87 -23.71
N GLY A 38 -3.70 22.03 -22.70
CA GLY A 38 -3.48 22.49 -21.34
C GLY A 38 -2.03 22.52 -20.94
N THR A 39 -1.79 22.60 -19.63
CA THR A 39 -0.44 22.50 -19.05
C THR A 39 -0.45 21.77 -17.72
N ILE A 40 0.67 21.12 -17.38
CA ILE A 40 0.81 20.46 -16.09
C ILE A 40 2.23 20.66 -15.62
N ALA A 41 2.41 21.44 -14.56
CA ALA A 41 3.72 21.59 -13.91
C ALA A 41 3.86 20.67 -12.69
N TYR A 42 5.06 20.63 -12.11
CA TYR A 42 5.29 19.81 -10.92
C TYR A 42 5.98 20.58 -9.79
N ALA A 43 5.33 20.60 -8.63
CA ALA A 43 5.81 21.28 -7.45
C ALA A 43 5.89 20.30 -6.29
N ASP A 44 6.55 20.70 -5.22
CA ASP A 44 6.60 19.91 -4.00
C ASP A 44 5.20 19.61 -3.47
N GLY A 45 4.90 18.33 -3.27
CA GLY A 45 3.58 17.91 -2.84
C GLY A 45 3.59 17.18 -1.52
N LYS A 46 2.46 16.57 -1.19
CA LYS A 46 2.32 15.84 0.06
C LYS A 46 3.32 14.70 0.17
N ILE A 47 3.54 13.99 -0.94
CA ILE A 47 4.55 12.95 -1.02
C ILE A 47 5.33 13.16 -2.31
N GLY A 48 6.61 13.51 -2.20
CA GLY A 48 7.41 13.79 -3.36
C GLY A 48 6.83 14.92 -4.17
N LYS A 49 6.85 14.77 -5.49
CA LYS A 49 6.35 15.80 -6.36
C LYS A 49 4.87 15.60 -6.67
N ALA A 50 4.11 16.67 -6.60
CA ALA A 50 2.69 16.64 -6.91
C ALA A 50 2.45 17.33 -8.23
N ALA A 51 1.30 17.08 -8.84
CA ALA A 51 0.92 17.72 -10.10
C ALA A 51 0.37 19.14 -9.88
N VAL A 52 0.74 20.09 -10.74
CA VAL A 52 0.16 21.43 -10.66
C VAL A 52 -0.87 21.66 -11.77
N LEU A 53 -2.03 22.16 -11.38
CA LEU A 53 -3.15 22.41 -12.29
C LEU A 53 -3.52 23.89 -12.26
N ASN A 54 -3.35 24.57 -13.39
CA ASN A 54 -3.39 26.05 -13.41
C ASN A 54 -4.77 26.68 -13.55
N GLY A 55 -5.80 25.85 -13.66
CA GLY A 55 -7.17 26.35 -13.75
C GLY A 55 -7.71 26.36 -15.17
N GLN A 56 -7.00 25.72 -16.09
CA GLN A 56 -7.39 25.66 -17.50
C GLN A 56 -6.93 24.34 -18.09
N SER A 57 -6.48 23.46 -17.20
CA SER A 57 -5.84 22.23 -17.61
C SER A 57 -6.39 21.02 -16.84
N GLY A 58 -6.26 19.86 -17.45
CA GLY A 58 -6.66 18.64 -16.79
C GLY A 58 -5.79 17.51 -17.26
N ILE A 59 -6.12 16.31 -16.81
CA ILE A 59 -5.40 15.11 -17.18
C ILE A 59 -6.40 14.06 -17.64
N ARG A 60 -6.28 13.58 -18.87
CA ARG A 60 -7.09 12.45 -19.30
C ARG A 60 -6.40 11.22 -18.76
N LEU A 61 -7.18 10.33 -18.13
CA LEU A 61 -6.65 9.05 -17.69
C LEU A 61 -7.15 8.00 -18.66
N PRO A 62 -6.59 6.77 -18.63
CA PRO A 62 -7.04 5.81 -19.64
C PRO A 62 -8.47 5.33 -19.43
N ASP A 63 -9.19 5.13 -20.53
CA ASP A 63 -10.57 4.66 -20.48
C ASP A 63 -10.62 3.30 -19.82
N GLY A 64 -11.65 3.08 -19.02
CA GLY A 64 -11.81 1.83 -18.30
C GLY A 64 -10.94 1.70 -17.06
N LEU A 65 -10.52 2.82 -16.48
CA LEU A 65 -9.67 2.78 -15.29
C LEU A 65 -10.41 2.07 -14.16
N VAL A 66 -11.66 2.50 -13.92
CA VAL A 66 -12.63 1.78 -13.12
C VAL A 66 -13.66 1.12 -14.03
N SER A 67 -13.89 -0.17 -13.83
CA SER A 67 -14.85 -0.88 -14.67
C SER A 67 -15.57 -1.97 -13.88
N SER A 68 -15.72 -1.75 -12.58
CA SER A 68 -16.37 -2.76 -11.75
C SER A 68 -17.39 -2.13 -10.81
N ASN A 69 -18.08 -3.03 -10.10
CA ASN A 69 -19.13 -2.66 -9.16
C ASN A 69 -18.58 -2.51 -7.75
N GLN A 70 -17.28 -2.82 -7.61
CA GLN A 70 -16.55 -2.83 -6.34
C GLN A 70 -15.22 -2.13 -6.50
N TYR A 71 -15.12 -0.89 -6.04
CA TYR A 71 -13.91 -0.10 -6.27
C TYR A 71 -13.76 1.07 -5.31
N SER A 72 -12.57 1.65 -5.28
CA SER A 72 -12.28 2.79 -4.39
C SER A 72 -11.32 3.78 -5.04
N VAL A 73 -11.37 5.04 -4.60
CA VAL A 73 -10.43 6.05 -5.05
C VAL A 73 -9.85 6.86 -3.88
N SER A 74 -8.51 6.96 -3.83
CA SER A 74 -7.83 7.83 -2.87
C SER A 74 -6.97 8.89 -3.58
N LEU A 75 -6.84 10.06 -2.97
CA LEU A 75 -5.96 11.11 -3.47
C LEU A 75 -5.76 12.24 -2.46
N TRP A 76 -4.74 13.06 -2.68
CA TRP A 76 -4.53 14.26 -1.91
C TRP A 76 -4.77 15.50 -2.79
N VAL A 77 -5.31 16.57 -2.20
CA VAL A 77 -5.44 17.83 -2.92
C VAL A 77 -5.02 19.02 -2.07
N LYS A 78 -4.57 20.07 -2.74
CA LYS A 78 -4.24 21.33 -2.10
C LYS A 78 -4.75 22.48 -2.96
N PRO A 79 -6.03 22.87 -2.75
CA PRO A 79 -6.71 23.91 -3.53
C PRO A 79 -6.11 25.30 -3.40
N GLU A 80 -5.95 25.95 -4.54
CA GLU A 80 -5.50 27.33 -4.61
C GLU A 80 -6.74 28.21 -4.69
N GLN A 81 -7.78 27.64 -5.29
CA GLN A 81 -9.11 28.24 -5.28
C GLN A 81 -10.15 27.12 -5.19
N LEU A 82 -11.38 27.52 -4.86
CA LEU A 82 -12.52 26.62 -4.86
C LEU A 82 -13.60 27.21 -5.77
N THR A 83 -14.14 26.35 -6.63
CA THR A 83 -15.18 26.73 -7.59
C THR A 83 -16.26 25.65 -7.55
N THR A 84 -17.53 26.06 -7.51
CA THR A 84 -18.64 25.11 -7.33
C THR A 84 -18.76 24.14 -8.52
N HIS A 85 -19.05 22.87 -8.20
CA HIS A 85 -19.19 21.74 -9.13
C HIS A 85 -17.88 21.18 -9.70
N THR A 86 -16.79 21.92 -9.56
CA THR A 86 -15.50 21.54 -10.12
C THR A 86 -14.99 20.23 -9.54
N THR A 87 -14.59 19.32 -10.43
CA THR A 87 -14.24 17.97 -10.04
C THR A 87 -12.79 17.82 -9.56
N THR A 88 -12.53 16.74 -8.84
CA THR A 88 -11.18 16.23 -8.76
C THR A 88 -11.23 14.96 -9.60
N PHE A 89 -11.67 13.86 -9.01
CA PHE A 89 -11.80 12.61 -9.76
C PHE A 89 -13.16 12.50 -10.45
N PHE A 90 -13.12 12.07 -11.72
CA PHE A 90 -14.23 12.10 -12.67
C PHE A 90 -13.85 11.14 -13.83
N GLY A 91 -14.68 10.18 -14.24
CA GLY A 91 -15.96 9.85 -13.64
C GLY A 91 -17.12 9.45 -14.54
N ALA A 92 -16.96 9.28 -15.85
CA ALA A 92 -18.15 9.25 -16.70
C ALA A 92 -18.28 8.26 -17.88
N LYS A 93 -19.40 7.54 -17.88
CA LYS A 93 -19.84 6.73 -19.01
C LYS A 93 -20.24 7.64 -20.19
N ASP A 94 -20.95 8.71 -19.86
CA ASP A 94 -21.34 9.72 -20.83
C ASP A 94 -21.71 10.99 -20.04
N PRO A 95 -22.03 12.12 -20.72
CA PRO A 95 -22.36 13.32 -19.96
C PRO A 95 -23.62 13.24 -19.07
N ASN A 96 -24.38 12.15 -19.15
CA ASN A 96 -25.60 12.04 -18.34
C ASN A 96 -25.50 10.94 -17.27
N HIS A 97 -24.35 10.29 -17.22
CA HIS A 97 -24.10 9.19 -16.28
C HIS A 97 -22.67 9.28 -15.78
N TRP A 98 -22.48 9.95 -14.64
CA TRP A 98 -21.14 10.24 -14.16
C TRP A 98 -20.99 10.23 -12.64
N ILE A 99 -19.75 10.12 -12.19
CA ILE A 99 -19.42 10.24 -10.78
C ILE A 99 -18.39 11.38 -10.64
N SER A 100 -18.33 12.02 -9.49
CA SER A 100 -17.39 13.13 -9.29
C SER A 100 -17.12 13.38 -7.81
N LEU A 101 -15.84 13.38 -7.43
CA LEU A 101 -15.45 13.81 -6.09
C LEU A 101 -15.21 15.31 -6.08
N VAL A 102 -16.15 16.05 -5.49
CA VAL A 102 -16.20 17.51 -5.59
C VAL A 102 -15.88 18.19 -4.26
N PRO A 103 -14.78 18.98 -4.21
CA PRO A 103 -14.37 19.75 -3.04
C PRO A 103 -15.42 20.73 -2.55
N GLN A 104 -16.04 21.45 -3.48
CA GLN A 104 -17.14 22.33 -3.13
C GLN A 104 -18.34 22.06 -4.04
N GLY A 105 -19.33 21.33 -3.53
CA GLY A 105 -20.47 20.96 -4.32
C GLY A 105 -21.61 21.96 -4.27
N TRP A 106 -22.80 21.54 -4.69
CA TRP A 106 -23.92 22.46 -4.77
C TRP A 106 -24.41 22.94 -3.41
N ASP A 107 -24.08 22.23 -2.33
CA ASP A 107 -24.43 22.70 -0.99
C ASP A 107 -23.23 23.42 -0.37
N GLY A 108 -22.21 23.66 -1.19
CA GLY A 108 -21.00 24.31 -0.73
C GLY A 108 -20.07 23.44 0.10
N ASN A 109 -20.41 22.16 0.24
CA ASN A 109 -19.56 21.26 1.01
C ASN A 109 -18.87 20.26 0.09
N THR A 110 -17.91 19.53 0.64
CA THR A 110 -17.27 18.45 -0.12
C THR A 110 -18.34 17.39 -0.35
N MET A 111 -18.38 16.83 -1.54
CA MET A 111 -19.34 15.74 -1.78
C MET A 111 -18.93 14.80 -2.89
N LEU A 112 -19.35 13.55 -2.76
CA LEU A 112 -19.25 12.60 -3.85
C LEU A 112 -20.52 12.69 -4.66
N TRP A 113 -20.40 13.20 -5.88
CA TRP A 113 -21.56 13.58 -6.66
C TRP A 113 -21.75 12.65 -7.85
N SER A 114 -22.99 12.21 -8.07
CA SER A 114 -23.26 11.45 -9.26
C SER A 114 -24.54 11.94 -9.91
N GLY A 115 -24.55 11.94 -11.24
CA GLY A 115 -25.66 12.45 -12.02
C GLY A 115 -25.47 12.13 -13.49
N SER A 116 -26.38 12.61 -14.32
CA SER A 116 -27.57 13.31 -13.83
C SER A 116 -28.80 12.38 -13.85
N SER A 117 -28.59 11.13 -14.26
CA SER A 117 -29.69 10.17 -14.43
C SER A 117 -29.47 8.84 -13.70
N PRO A 118 -29.74 8.80 -12.39
CA PRO A 118 -30.33 9.87 -11.60
C PRO A 118 -29.28 10.71 -10.90
N TRP A 119 -29.72 11.47 -9.92
CA TRP A 119 -28.82 12.29 -9.14
C TRP A 119 -28.58 11.65 -7.80
N TYR A 120 -27.31 11.55 -7.43
CA TYR A 120 -26.93 11.05 -6.13
C TYR A 120 -26.13 12.13 -5.40
N ASP A 121 -26.55 12.43 -4.18
CA ASP A 121 -25.87 13.42 -3.38
C ASP A 121 -25.11 12.72 -2.25
N GLY A 122 -23.79 12.70 -2.36
CA GLY A 122 -22.97 12.11 -1.33
C GLY A 122 -22.44 13.21 -0.43
N ARG A 123 -23.31 13.74 0.41
CA ARG A 123 -23.01 14.94 1.19
C ARG A 123 -22.23 14.65 2.47
N THR A 124 -21.13 15.37 2.63
CA THR A 124 -20.25 15.21 3.78
C THR A 124 -20.57 16.23 4.86
N PHE A 125 -21.21 17.33 4.44
CA PHE A 125 -21.48 18.48 5.30
C PHE A 125 -20.19 19.01 5.92
N TRP A 126 -19.11 18.89 5.16
CA TRP A 126 -17.78 19.30 5.60
C TRP A 126 -17.20 20.21 4.55
N LYS A 127 -16.55 21.29 4.96
CA LYS A 127 -16.02 22.22 3.97
C LYS A 127 -14.49 22.25 3.95
N ILE A 128 -13.96 22.21 2.74
CA ILE A 128 -12.53 22.12 2.47
C ILE A 128 -11.85 23.50 2.46
N PRO A 129 -10.63 23.59 3.03
CA PRO A 129 -9.82 24.82 2.98
C PRO A 129 -8.93 24.95 1.73
N THR A 130 -8.63 26.19 1.33
CA THR A 130 -7.64 26.39 0.28
C THR A 130 -6.28 26.49 0.94
N GLY A 131 -5.23 26.17 0.18
CA GLY A 131 -3.88 26.30 0.67
C GLY A 131 -3.55 25.37 1.82
N GLN A 132 -4.27 24.25 1.90
CA GLN A 132 -3.92 23.19 2.85
C GLN A 132 -4.19 21.83 2.22
N TRP A 133 -3.44 20.82 2.66
CA TRP A 133 -3.60 19.46 2.16
C TRP A 133 -4.75 18.74 2.85
N THR A 134 -5.70 18.25 2.05
CA THR A 134 -6.80 17.42 2.55
C THR A 134 -6.71 16.04 1.90
N HIS A 135 -6.91 14.97 2.68
CA HIS A 135 -7.03 13.65 2.10
C HIS A 135 -8.48 13.30 1.82
N LEU A 136 -8.74 12.79 0.63
CA LEU A 136 -10.08 12.34 0.28
C LEU A 136 -10.08 10.89 -0.20
N ALA A 137 -11.02 10.10 0.28
CA ALA A 137 -11.17 8.74 -0.20
C ALA A 137 -12.64 8.40 -0.30
N PHE A 138 -12.97 7.41 -1.14
CA PHE A 138 -14.31 6.84 -1.14
C PHE A 138 -14.31 5.47 -1.76
N SER A 139 -15.20 4.61 -1.26
CA SER A 139 -15.30 3.24 -1.71
C SER A 139 -16.69 2.97 -2.24
N VAL A 140 -16.77 2.03 -3.19
CA VAL A 140 -18.04 1.61 -3.79
C VAL A 140 -18.08 0.08 -3.80
N ASP A 141 -18.99 -0.50 -3.03
CA ASP A 141 -19.12 -1.95 -3.01
C ASP A 141 -20.56 -2.33 -3.32
N ASN A 142 -20.84 -2.54 -4.61
CA ASN A 142 -22.14 -2.99 -5.05
C ASN A 142 -23.27 -2.11 -4.52
N GLY A 143 -23.15 -0.82 -4.80
CA GLY A 143 -24.16 0.13 -4.37
C GLY A 143 -23.87 0.73 -3.00
N ALA A 144 -23.04 0.05 -2.23
CA ALA A 144 -22.66 0.53 -0.91
C ALA A 144 -21.47 1.49 -1.01
N VAL A 145 -21.72 2.75 -0.67
CA VAL A 145 -20.75 3.82 -0.88
C VAL A 145 -20.48 4.60 0.42
N LYS A 146 -19.22 4.96 0.62
CA LYS A 146 -18.77 5.70 1.81
C LYS A 146 -17.75 6.77 1.45
N VAL A 147 -17.81 7.92 2.11
CA VAL A 147 -16.88 9.01 1.82
C VAL A 147 -16.07 9.44 3.05
N TYR A 148 -14.76 9.58 2.85
CA TYR A 148 -13.82 9.87 3.91
C TYR A 148 -13.05 11.15 3.68
N ILE A 149 -12.96 11.97 4.71
CA ILE A 149 -12.11 13.15 4.67
C ILE A 149 -11.05 13.08 5.76
N ASN A 150 -9.79 13.12 5.35
CA ASN A 150 -8.69 13.07 6.29
C ASN A 150 -8.74 11.81 7.16
N GLY A 151 -9.35 10.75 6.65
CA GLY A 151 -9.44 9.50 7.39
C GLY A 151 -10.77 9.33 8.10
N VAL A 152 -11.48 10.45 8.26
CA VAL A 152 -12.75 10.48 8.94
C VAL A 152 -13.94 10.26 8.01
N GLU A 153 -14.69 9.17 8.23
CA GLU A 153 -15.90 8.88 7.45
C GLU A 153 -16.96 9.95 7.67
N LYS A 154 -17.50 10.51 6.58
CA LYS A 154 -18.45 11.61 6.68
C LYS A 154 -19.78 11.26 6.02
N PHE A 155 -19.73 10.39 5.02
CA PHE A 155 -20.94 9.94 4.34
C PHE A 155 -20.95 8.43 4.20
N SER A 156 -22.11 7.84 4.44
CA SER A 156 -22.35 6.45 4.07
C SER A 156 -23.75 6.36 3.48
N GLY A 157 -23.95 5.38 2.61
CA GLY A 157 -25.25 5.16 2.01
C GLY A 157 -25.23 3.95 1.10
N THR A 158 -26.37 3.71 0.46
CA THR A 158 -26.54 2.61 -0.48
C THR A 158 -27.32 3.10 -1.70
N ASN A 159 -27.44 2.24 -2.71
CA ASN A 159 -28.09 2.56 -4.00
C ASN A 159 -27.29 3.57 -4.83
N PHE A 160 -25.97 3.44 -4.79
CA PHE A 160 -25.07 4.19 -5.68
C PHE A 160 -25.13 3.60 -7.09
N PRO A 161 -25.10 4.45 -8.13
CA PRO A 161 -25.21 4.00 -9.52
C PRO A 161 -24.02 3.14 -9.97
N ASP A 162 -24.31 2.02 -10.63
CA ASP A 162 -23.25 1.17 -11.17
C ASP A 162 -22.80 1.73 -12.52
N VAL A 163 -22.17 2.89 -12.47
CA VAL A 163 -21.80 3.65 -13.66
C VAL A 163 -20.78 2.94 -14.56
N PHE A 164 -20.00 2.02 -14.00
CA PHE A 164 -18.80 1.61 -14.70
C PHE A 164 -18.77 0.15 -15.14
N THR A 165 -19.59 -0.68 -14.50
CA THR A 165 -19.69 -2.08 -14.89
C THR A 165 -20.23 -2.20 -16.32
N GLY A 166 -19.36 -2.60 -17.24
CA GLY A 166 -19.76 -2.82 -18.61
C GLY A 166 -19.48 -1.66 -19.54
N ALA A 167 -18.86 -0.61 -19.01
CA ALA A 167 -18.59 0.59 -19.80
C ALA A 167 -17.10 0.88 -19.93
N ASN A 168 -16.73 1.51 -21.05
CA ASN A 168 -15.38 2.00 -21.26
C ASN A 168 -15.39 3.49 -20.98
N ALA A 169 -15.49 3.84 -19.70
CA ALA A 169 -15.82 5.21 -19.32
C ALA A 169 -14.61 6.12 -19.34
N SER A 170 -14.87 7.42 -19.48
CA SER A 170 -13.82 8.43 -19.46
C SER A 170 -13.47 8.84 -18.02
N PHE A 171 -12.17 8.93 -17.78
CA PHE A 171 -11.67 9.31 -16.46
C PHE A 171 -10.71 10.46 -16.59
N ALA A 172 -10.73 11.36 -15.61
CA ALA A 172 -9.90 12.55 -15.65
C ALA A 172 -9.62 13.09 -14.26
N LEU A 173 -8.54 13.85 -14.15
CA LEU A 173 -8.27 14.67 -12.98
C LEU A 173 -8.48 16.13 -13.33
N GLY A 174 -9.24 16.82 -12.49
CA GLY A 174 -9.34 18.26 -12.52
C GLY A 174 -10.28 18.91 -13.53
N VAL A 175 -10.90 18.12 -14.40
CA VAL A 175 -11.80 18.65 -15.43
C VAL A 175 -12.95 17.70 -15.71
N ASN A 176 -14.06 18.27 -16.17
CA ASN A 176 -15.17 17.46 -16.69
C ASN A 176 -15.73 18.09 -17.96
N TRP A 177 -17.05 18.10 -18.10
CA TRP A 177 -17.65 18.62 -19.33
C TRP A 177 -18.29 20.00 -19.18
N TRP A 178 -18.30 20.55 -17.96
CA TRP A 178 -19.14 21.73 -17.73
C TRP A 178 -18.52 22.82 -16.88
N ASP A 179 -17.60 22.47 -15.99
CA ASP A 179 -17.24 23.37 -14.90
C ASP A 179 -15.79 23.84 -14.93
N PRO A 180 -15.47 24.88 -14.13
CA PRO A 180 -14.08 25.31 -14.04
C PRO A 180 -13.14 24.16 -13.69
N PRO A 181 -12.01 24.09 -14.39
CA PRO A 181 -10.93 23.18 -14.01
C PRO A 181 -10.44 23.44 -12.60
N PHE A 182 -10.10 22.37 -11.90
CA PHE A 182 -9.49 22.48 -10.59
C PHE A 182 -8.22 23.32 -10.66
N LYS A 183 -7.95 24.06 -9.59
CA LYS A 183 -6.75 24.88 -9.51
C LYS A 183 -6.03 24.63 -8.20
N GLY A 184 -4.76 24.24 -8.34
CA GLY A 184 -3.92 23.95 -7.20
C GLY A 184 -3.13 22.66 -7.41
N LEU A 185 -3.03 21.88 -6.34
CA LEU A 185 -2.19 20.68 -6.32
C LEU A 185 -3.00 19.41 -6.09
N ILE A 186 -2.73 18.39 -6.92
CA ILE A 186 -3.26 17.05 -6.72
C ILE A 186 -2.11 16.04 -6.63
N ASP A 187 -2.11 15.20 -5.60
CA ASP A 187 -1.00 14.26 -5.39
C ASP A 187 -1.51 12.85 -5.10
N GLU A 188 -0.70 11.85 -5.42
CA GLU A 188 -0.92 10.48 -4.96
C GLU A 188 -2.29 9.90 -5.30
N LEU A 189 -2.60 9.81 -6.58
CA LEU A 189 -3.86 9.19 -6.98
C LEU A 189 -3.68 7.69 -6.93
N ARG A 190 -4.59 7.02 -6.22
CA ARG A 190 -4.60 5.58 -6.13
C ARG A 190 -5.99 5.02 -6.41
N ILE A 191 -6.04 3.96 -7.22
CA ILE A 191 -7.31 3.31 -7.57
C ILE A 191 -7.29 1.89 -7.01
N TYR A 192 -8.44 1.45 -6.49
CA TYR A 192 -8.55 0.10 -5.92
C TYR A 192 -9.71 -0.67 -6.53
N GLU A 193 -9.53 -1.99 -6.65
CA GLU A 193 -10.64 -2.92 -6.87
C GLU A 193 -11.07 -3.42 -5.49
N GLY A 194 -12.35 -3.27 -5.17
CA GLY A 194 -12.83 -3.65 -3.86
C GLY A 194 -12.86 -2.45 -2.95
N ALA A 195 -13.61 -2.56 -1.86
CA ALA A 195 -13.83 -1.45 -0.95
C ALA A 195 -12.79 -1.32 0.16
N LEU A 196 -12.08 -0.19 0.19
CA LEU A 196 -11.07 0.07 1.21
C LEU A 196 -11.60 -0.19 2.61
N THR A 197 -10.85 -0.97 3.40
CA THR A 197 -11.22 -1.15 4.79
C THR A 197 -10.94 0.14 5.52
N PRO A 198 -11.60 0.35 6.67
CA PRO A 198 -11.28 1.49 7.53
C PRO A 198 -9.79 1.61 7.84
N SER A 199 -9.14 0.46 7.96
CA SER A 199 -7.72 0.42 8.30
C SER A 199 -6.87 1.02 7.18
N GLN A 200 -7.05 0.52 5.95
CA GLN A 200 -6.38 1.05 4.78
C GLN A 200 -6.60 2.56 4.65
N VAL A 201 -7.81 2.99 4.94
CA VAL A 201 -8.17 4.40 4.91
C VAL A 201 -7.28 5.23 5.82
N THR A 202 -7.36 4.98 7.13
CA THR A 202 -6.63 5.77 8.12
C THR A 202 -5.13 5.73 7.87
N ASP A 203 -4.69 4.66 7.22
CA ASP A 203 -3.31 4.52 6.77
C ASP A 203 -3.00 5.51 5.65
N LEU A 204 -3.85 5.51 4.64
CA LEU A 204 -3.66 6.40 3.49
C LEU A 204 -3.73 7.86 3.88
N ALA A 205 -4.58 8.19 4.86
CA ALA A 205 -4.83 9.57 5.26
C ALA A 205 -3.71 10.19 6.10
N GLN A 206 -2.98 9.35 6.84
CA GLN A 206 -1.95 9.85 7.75
C GLN A 206 -0.55 9.61 7.19
N GLU B 1 9.06 0.70 -11.71
CA GLU B 1 7.74 0.14 -11.40
C GLU B 1 7.72 -0.36 -9.95
N GLU B 2 6.65 -0.06 -9.24
CA GLU B 2 6.56 -0.41 -7.83
C GLU B 2 6.40 -1.91 -7.63
N ALA B 3 6.86 -2.41 -6.49
CA ALA B 3 6.67 -3.81 -6.19
C ALA B 3 5.19 -4.08 -5.96
N LYS B 4 4.75 -5.29 -6.34
CA LYS B 4 3.34 -5.67 -6.19
C LYS B 4 3.10 -6.36 -4.85
N LEU B 5 2.16 -5.86 -4.06
CA LEU B 5 1.80 -6.49 -2.78
C LEU B 5 1.04 -7.81 -2.98
N THR B 6 1.56 -8.89 -2.38
CA THR B 6 0.98 -10.20 -2.58
C THR B 6 0.44 -10.83 -1.30
N ALA B 7 0.80 -10.26 -0.14
CA ALA B 7 0.22 -10.72 1.12
C ALA B 7 0.47 -9.77 2.30
N HIS B 8 -0.49 -9.74 3.21
CA HIS B 8 -0.43 -8.87 4.37
C HIS B 8 -0.99 -9.57 5.60
N TYR B 9 -0.13 -9.93 6.53
CA TYR B 9 -0.56 -10.52 7.80
C TYR B 9 -0.43 -9.44 8.88
N SER B 10 -1.53 -8.74 9.13
CA SER B 10 -1.52 -7.57 10.00
C SER B 10 -1.81 -7.87 11.46
N PHE B 11 -2.34 -9.07 11.72
CA PHE B 11 -2.78 -9.51 13.06
C PHE B 11 -3.86 -8.61 13.65
N ASP B 12 -4.44 -7.72 12.85
CA ASP B 12 -5.44 -6.78 13.34
C ASP B 12 -6.75 -7.50 13.66
N ASN B 13 -6.94 -8.66 13.04
CA ASN B 13 -8.10 -9.50 13.29
C ASN B 13 -7.90 -10.44 14.45
N ASN B 14 -6.86 -10.21 15.24
CA ASN B 14 -6.46 -11.16 16.28
C ASN B 14 -6.39 -12.57 15.68
N ASP B 15 -5.82 -12.68 14.47
CA ASP B 15 -5.60 -13.98 13.86
C ASP B 15 -4.38 -13.98 12.94
N LEU B 16 -4.21 -15.06 12.19
CA LEU B 16 -3.03 -15.26 11.37
C LEU B 16 -3.31 -15.28 9.88
N SER B 17 -4.43 -14.68 9.46
CA SER B 17 -4.83 -14.72 8.06
C SER B 17 -4.22 -13.61 7.22
N ASP B 18 -4.28 -13.80 5.91
CA ASP B 18 -3.80 -12.83 4.94
C ASP B 18 -4.97 -11.95 4.49
N SER B 19 -4.80 -10.65 4.70
CA SER B 19 -5.86 -9.69 4.42
C SER B 19 -6.11 -9.56 2.92
N THR B 20 -5.12 -9.93 2.11
CA THR B 20 -5.33 -9.93 0.66
C THR B 20 -6.18 -11.13 0.26
N GLY B 21 -6.07 -12.22 1.01
CA GLY B 21 -6.73 -13.46 0.70
C GLY B 21 -6.11 -14.08 -0.54
N ASN B 22 -4.86 -13.73 -0.81
CA ASN B 22 -4.09 -14.37 -1.87
C ASN B 22 -3.53 -15.66 -1.34
N PHE B 23 -3.36 -15.71 -0.03
CA PHE B 23 -2.65 -16.79 0.65
C PHE B 23 -3.41 -17.30 1.87
N GLY B 24 -3.00 -18.47 2.36
CA GLY B 24 -3.65 -19.09 3.48
C GLY B 24 -3.21 -18.52 4.80
N PRO B 25 -3.91 -18.87 5.89
CA PRO B 25 -3.50 -18.36 7.19
C PRO B 25 -2.32 -19.15 7.74
N GLY B 26 -1.51 -18.50 8.56
CA GLY B 26 -0.44 -19.19 9.23
C GLY B 26 -0.96 -20.14 10.30
N THR B 27 -0.06 -20.91 10.90
CA THR B 27 -0.38 -21.79 12.02
C THR B 27 0.66 -21.59 13.13
N ILE B 28 0.40 -22.13 14.31
CA ILE B 28 1.36 -22.05 15.41
C ILE B 28 2.37 -23.18 15.33
N THR B 29 3.61 -22.90 15.72
CA THR B 29 4.70 -23.87 15.57
C THR B 29 5.43 -24.35 16.84
N GLY B 30 5.39 -23.63 17.94
CA GLY B 30 6.33 -23.97 18.99
C GLY B 30 7.73 -23.57 18.58
N ASN B 31 8.78 -24.14 19.19
CA ASN B 31 10.11 -23.53 19.06
C ASN B 31 10.90 -23.86 17.82
N ARG B 32 10.30 -24.58 16.88
CA ARG B 32 10.97 -24.88 15.61
C ARG B 32 9.99 -24.62 14.48
N ILE B 33 10.51 -24.31 13.30
CA ILE B 33 9.68 -24.09 12.12
C ILE B 33 8.80 -25.32 11.85
N ASP B 34 9.35 -26.50 12.16
CA ASP B 34 8.70 -27.77 11.86
C ASP B 34 8.21 -28.55 13.08
N ASN B 35 7.81 -27.87 14.15
CA ASN B 35 7.04 -28.58 15.15
C ASN B 35 5.80 -27.80 15.53
N GLU B 36 5.15 -28.21 16.62
CA GLU B 36 3.93 -27.57 17.09
C GLU B 36 3.93 -27.44 18.62
N GLY B 37 2.80 -27.01 19.17
CA GLY B 37 2.63 -26.97 20.60
C GLY B 37 2.50 -25.57 21.19
N GLY B 38 3.25 -24.62 20.65
CA GLY B 38 3.28 -23.27 21.19
C GLY B 38 1.95 -22.55 21.15
N THR B 39 1.95 -21.30 21.60
CA THR B 39 0.76 -20.47 21.55
C THR B 39 1.13 -19.13 20.94
N ILE B 40 0.14 -18.46 20.35
CA ILE B 40 0.31 -17.11 19.83
C ILE B 40 -0.73 -16.17 20.41
N ALA B 41 -0.26 -15.14 21.08
CA ALA B 41 -1.14 -14.13 21.69
C ALA B 41 -1.13 -12.83 20.88
N TYR B 42 -2.01 -11.90 21.25
CA TYR B 42 -2.07 -10.62 20.55
C TYR B 42 -1.97 -9.45 21.52
N ALA B 43 -1.59 -8.30 21.00
CA ALA B 43 -1.38 -7.11 21.81
C ALA B 43 -1.38 -5.89 20.91
N ASP B 44 -1.61 -4.72 21.50
CA ASP B 44 -1.53 -3.45 20.79
C ASP B 44 -0.19 -3.33 20.07
N GLY B 45 -0.22 -3.17 18.75
CA GLY B 45 0.99 -3.18 17.97
C GLY B 45 1.34 -1.85 17.36
N LYS B 46 2.02 -1.87 16.22
CA LYS B 46 2.33 -0.64 15.52
C LYS B 46 1.06 -0.10 14.87
N ILE B 47 0.38 -0.97 14.12
CA ILE B 47 -0.94 -0.69 13.60
C ILE B 47 -1.88 -1.75 14.10
N GLY B 48 -2.89 -1.36 14.87
CA GLY B 48 -3.83 -2.31 15.44
C GLY B 48 -3.12 -3.28 16.36
N LYS B 49 -3.51 -4.55 16.30
CA LYS B 49 -2.86 -5.58 17.09
C LYS B 49 -1.56 -6.07 16.45
N ALA B 50 -0.62 -6.52 17.29
CA ALA B 50 0.59 -7.21 16.87
C ALA B 50 0.63 -8.63 17.42
N ALA B 51 1.36 -9.51 16.75
CA ALA B 51 1.47 -10.89 17.21
C ALA B 51 2.49 -10.99 18.34
N VAL B 52 2.12 -11.67 19.42
CA VAL B 52 3.04 -11.87 20.52
C VAL B 52 3.73 -13.22 20.44
N LEU B 53 5.05 -13.21 20.37
CA LEU B 53 5.84 -14.43 20.43
C LEU B 53 6.42 -14.58 21.82
N ASN B 54 6.14 -15.70 22.47
CA ASN B 54 6.50 -15.86 23.87
C ASN B 54 7.88 -16.47 24.05
N GLY B 55 8.67 -16.49 22.99
CA GLY B 55 9.95 -17.15 23.07
C GLY B 55 9.95 -18.67 23.03
N GLN B 56 8.77 -19.31 23.00
CA GLN B 56 8.67 -20.73 22.81
C GLN B 56 7.96 -20.97 21.50
N SER B 57 7.47 -19.94 20.81
CA SER B 57 6.62 -20.29 19.69
C SER B 57 6.97 -19.52 18.44
N GLY B 58 6.20 -19.74 17.38
CA GLY B 58 6.44 -19.06 16.13
C GLY B 58 5.23 -19.21 15.26
N ILE B 59 5.33 -18.60 14.08
CA ILE B 59 4.28 -18.67 13.07
C ILE B 59 4.83 -19.32 11.80
N ARG B 60 4.21 -20.41 11.39
CA ARG B 60 4.46 -20.99 10.07
C ARG B 60 3.60 -20.31 9.01
N LEU B 61 4.24 -19.74 8.01
CA LEU B 61 3.51 -19.15 6.89
C LEU B 61 3.27 -20.21 5.81
N PRO B 62 2.42 -19.92 4.82
CA PRO B 62 2.22 -20.92 3.76
C PRO B 62 3.50 -21.34 3.02
N ASP B 63 3.46 -22.52 2.42
CA ASP B 63 4.55 -23.01 1.58
C ASP B 63 4.53 -22.29 0.24
N GLY B 64 5.71 -22.16 -0.37
CA GLY B 64 5.84 -21.48 -1.65
C GLY B 64 5.57 -19.99 -1.58
N LEU B 65 5.56 -19.45 -0.37
CA LEU B 65 5.10 -18.09 -0.09
C LEU B 65 5.76 -17.06 -0.98
N VAL B 66 7.09 -17.16 -1.08
CA VAL B 66 7.88 -16.41 -2.04
C VAL B 66 8.44 -17.47 -2.98
N SER B 67 8.40 -17.20 -4.27
CA SER B 67 8.63 -18.25 -5.25
C SER B 67 9.45 -17.79 -6.43
N SER B 68 10.16 -16.68 -6.28
CA SER B 68 10.95 -16.10 -7.35
C SER B 68 12.21 -15.47 -6.80
N ASN B 69 12.98 -14.83 -7.68
CA ASN B 69 14.15 -14.08 -7.24
C ASN B 69 13.92 -12.58 -7.39
N GLN B 70 12.65 -12.19 -7.50
CA GLN B 70 12.24 -10.79 -7.45
C GLN B 70 11.12 -10.57 -6.43
N TYR B 71 11.48 -10.21 -5.20
CA TYR B 71 10.49 -10.08 -4.13
C TYR B 71 10.89 -9.03 -3.07
N SER B 72 10.05 -8.87 -2.06
CA SER B 72 10.36 -7.97 -0.94
C SER B 72 9.52 -8.30 0.30
N VAL B 73 10.08 -8.02 1.47
CA VAL B 73 9.41 -8.31 2.72
C VAL B 73 9.53 -7.11 3.67
N SER B 74 8.51 -6.88 4.47
CA SER B 74 8.43 -5.70 5.32
C SER B 74 7.68 -6.03 6.61
N LEU B 75 8.35 -5.82 7.75
CA LEU B 75 7.72 -6.03 9.05
C LEU B 75 8.22 -5.04 10.11
N TRP B 76 7.42 -4.89 11.16
CA TRP B 76 7.79 -4.15 12.36
C TRP B 76 8.11 -5.16 13.46
N VAL B 77 9.07 -4.83 14.31
CA VAL B 77 9.47 -5.74 15.39
C VAL B 77 9.73 -4.98 16.67
N LYS B 78 9.24 -5.53 17.78
CA LYS B 78 9.51 -5.00 19.09
C LYS B 78 10.11 -6.11 19.95
N PRO B 79 11.44 -6.15 20.03
CA PRO B 79 12.18 -7.19 20.74
C PRO B 79 12.12 -7.07 22.25
N GLU B 80 11.80 -8.17 22.92
CA GLU B 80 11.88 -8.20 24.38
C GLU B 80 13.28 -8.70 24.78
N GLN B 81 13.88 -9.48 23.89
CA GLN B 81 15.26 -9.93 24.01
C GLN B 81 15.88 -10.04 22.63
N LEU B 82 17.19 -10.28 22.60
CA LEU B 82 17.93 -10.49 21.36
C LEU B 82 18.87 -11.67 21.53
N THR B 83 18.60 -12.75 20.79
CA THR B 83 19.43 -13.93 20.84
C THR B 83 20.15 -14.04 19.49
N THR B 84 21.39 -14.51 19.50
CA THR B 84 22.20 -14.51 18.27
C THR B 84 21.63 -15.53 17.26
N HIS B 85 21.66 -15.16 15.99
CA HIS B 85 21.18 -16.01 14.89
C HIS B 85 19.66 -16.16 14.82
N THR B 86 18.96 -15.62 15.80
CA THR B 86 17.50 -15.74 15.86
C THR B 86 16.83 -15.00 14.72
N THR B 87 15.83 -15.63 14.12
CA THR B 87 15.18 -15.09 12.93
C THR B 87 13.92 -14.30 13.25
N THR B 88 13.58 -13.35 12.38
CA THR B 88 12.24 -12.79 12.34
C THR B 88 11.52 -13.44 11.15
N PHE B 89 11.85 -13.02 9.93
CA PHE B 89 11.35 -13.70 8.74
C PHE B 89 12.33 -14.79 8.23
N PHE B 90 11.77 -15.90 7.71
CA PHE B 90 12.47 -17.15 7.33
C PHE B 90 11.46 -17.96 6.49
N GLY B 91 11.81 -18.53 5.33
CA GLY B 91 13.01 -18.33 4.57
C GLY B 91 13.75 -19.57 4.06
N ALA B 92 13.12 -20.71 3.82
CA ALA B 92 13.95 -21.89 3.53
C ALA B 92 13.47 -22.92 2.51
N LYS B 93 14.36 -23.22 1.58
CA LYS B 93 14.23 -24.34 0.67
C LYS B 93 14.44 -25.66 1.44
N ASP B 94 15.58 -25.77 2.11
CA ASP B 94 15.85 -26.86 3.04
C ASP B 94 16.78 -26.31 4.12
N PRO B 95 17.15 -27.12 5.13
CA PRO B 95 18.09 -26.63 6.15
C PRO B 95 19.49 -26.20 5.67
N ASN B 96 19.87 -26.49 4.42
CA ASN B 96 21.15 -26.01 3.90
C ASN B 96 20.99 -24.85 2.92
N HIS B 97 19.74 -24.46 2.64
CA HIS B 97 19.46 -23.40 1.67
C HIS B 97 18.35 -22.48 2.14
N TRP B 98 18.71 -21.40 2.82
CA TRP B 98 17.71 -20.56 3.44
C TRP B 98 18.05 -19.08 3.39
N ILE B 99 17.03 -18.28 3.72
CA ILE B 99 17.09 -16.83 3.85
C ILE B 99 16.56 -16.45 5.22
N SER B 100 17.26 -15.55 5.92
CA SER B 100 16.84 -15.11 7.27
C SER B 100 17.07 -13.63 7.56
N LEU B 101 16.07 -12.99 8.18
CA LEU B 101 16.19 -11.62 8.62
C LEU B 101 16.49 -11.61 10.12
N VAL B 102 17.73 -11.29 10.47
CA VAL B 102 18.25 -11.56 11.81
C VAL B 102 18.53 -10.29 12.62
N PRO B 103 17.66 -10.01 13.61
CA PRO B 103 17.79 -8.87 14.53
C PRO B 103 19.17 -8.76 15.15
N GLN B 104 19.68 -9.90 15.61
CA GLN B 104 21.03 -9.95 16.15
C GLN B 104 21.75 -11.19 15.66
CA GLY B 105 23.63 -11.62 13.28
C GLY B 105 24.81 -12.17 14.05
N TRP B 106 25.51 -13.11 13.45
CA TRP B 106 26.73 -13.63 14.03
C TRP B 106 27.74 -12.52 14.33
N ASP B 107 27.57 -11.37 13.68
CA ASP B 107 28.46 -10.23 13.85
C ASP B 107 27.99 -9.33 14.98
N GLY B 108 26.87 -9.68 15.60
CA GLY B 108 26.32 -8.90 16.71
C GLY B 108 25.26 -7.88 16.31
N ASN B 109 25.15 -7.62 15.01
CA ASN B 109 24.18 -6.65 14.50
C ASN B 109 23.11 -7.28 13.62
N THR B 110 22.10 -6.49 13.28
CA THR B 110 21.05 -6.92 12.38
C THR B 110 21.66 -7.25 11.04
N MET B 111 21.15 -8.25 10.33
CA MET B 111 21.62 -8.54 8.98
C MET B 111 20.56 -9.29 8.18
N LEU B 112 20.71 -9.29 6.85
CA LEU B 112 20.02 -10.28 6.04
C LEU B 112 20.99 -11.39 5.69
N TRP B 113 20.68 -12.60 6.18
CA TRP B 113 21.57 -13.75 6.12
C TRP B 113 21.10 -14.81 5.14
N SER B 114 22.04 -15.45 4.47
CA SER B 114 21.74 -16.67 3.75
C SER B 114 22.78 -17.73 4.05
N GLY B 115 22.33 -18.97 4.12
CA GLY B 115 23.20 -20.10 4.34
C GLY B 115 22.51 -21.35 3.84
N SER B 116 23.24 -22.46 3.82
CA SER B 116 24.63 -22.45 4.18
C SER B 116 25.47 -22.71 2.93
N SER B 117 24.78 -22.83 1.80
CA SER B 117 25.39 -23.25 0.55
C SER B 117 24.84 -22.45 -0.63
N PRO B 118 25.43 -21.27 -0.88
CA PRO B 118 26.51 -20.72 -0.07
C PRO B 118 25.98 -19.78 0.99
N TRP B 119 26.90 -19.19 1.74
CA TRP B 119 26.58 -18.17 2.71
C TRP B 119 26.38 -16.82 2.04
N TYR B 120 25.67 -15.93 2.71
CA TYR B 120 25.62 -14.56 2.28
C TYR B 120 25.37 -13.68 3.49
N ASP B 121 26.25 -12.70 3.68
CA ASP B 121 26.14 -11.80 4.81
C ASP B 121 25.81 -10.39 4.34
N GLY B 122 24.53 -10.04 4.38
CA GLY B 122 24.09 -8.70 4.05
C GLY B 122 24.12 -7.82 5.29
N ARG B 123 25.32 -7.42 5.69
CA ARG B 123 25.57 -6.79 6.98
C ARG B 123 25.23 -5.31 7.02
N THR B 124 24.29 -4.95 7.90
CA THR B 124 23.83 -3.56 8.07
C THR B 124 24.70 -2.76 9.03
N PHE B 125 25.40 -3.46 9.92
CA PHE B 125 26.31 -2.87 10.90
C PHE B 125 25.57 -1.99 11.91
N TRP B 126 24.28 -2.25 12.07
CA TRP B 126 23.41 -1.44 12.91
C TRP B 126 22.74 -2.32 13.97
N LYS B 127 22.81 -1.89 15.24
CA LYS B 127 22.24 -2.66 16.34
C LYS B 127 20.84 -2.20 16.74
N ILE B 128 19.92 -3.16 16.77
CA ILE B 128 18.50 -2.93 17.04
C ILE B 128 18.19 -2.93 18.56
N PRO B 129 17.41 -1.94 19.04
CA PRO B 129 17.15 -1.91 20.49
C PRO B 129 16.00 -2.82 20.91
N THR B 130 15.97 -3.20 22.18
CA THR B 130 14.83 -3.93 22.71
C THR B 130 13.82 -2.95 23.27
N GLY B 131 12.56 -3.37 23.37
CA GLY B 131 11.52 -2.56 23.97
C GLY B 131 11.11 -1.36 23.13
N GLN B 132 11.60 -1.31 21.89
CA GLN B 132 11.30 -0.23 20.97
C GLN B 132 11.00 -0.80 19.60
N TRP B 133 10.02 -0.22 18.90
CA TRP B 133 9.69 -0.69 17.56
C TRP B 133 10.81 -0.37 16.56
N THR B 134 11.01 -1.27 15.61
CA THR B 134 11.95 -1.05 14.50
C THR B 134 11.35 -1.59 13.21
N HIS B 135 11.35 -0.77 12.16
CA HIS B 135 10.86 -1.26 10.89
C HIS B 135 11.98 -1.91 10.06
N LEU B 136 11.72 -3.14 9.65
CA LEU B 136 12.68 -3.88 8.84
C LEU B 136 12.09 -4.14 7.46
N ALA B 137 12.91 -3.98 6.43
CA ALA B 137 12.48 -4.21 5.06
C ALA B 137 13.67 -4.54 4.17
N PHE B 138 13.58 -5.64 3.42
CA PHE B 138 14.60 -5.96 2.43
C PHE B 138 13.98 -6.24 1.07
N SER B 139 14.78 -6.13 0.02
CA SER B 139 14.32 -6.39 -1.33
C SER B 139 15.32 -7.25 -2.12
N VAL B 140 14.79 -8.18 -2.93
CA VAL B 140 15.63 -9.03 -3.79
C VAL B 140 15.19 -8.93 -5.26
N ASP B 141 16.15 -8.71 -6.16
CA ASP B 141 15.88 -8.66 -7.59
C ASP B 141 17.04 -9.26 -8.38
N ASN B 142 16.90 -10.54 -8.70
CA ASN B 142 17.89 -11.29 -9.48
C ASN B 142 19.33 -11.04 -9.03
N GLY B 143 19.60 -11.21 -7.74
CA GLY B 143 20.94 -11.00 -7.23
C GLY B 143 21.12 -9.69 -6.46
N ALA B 144 20.69 -8.57 -7.06
CA ALA B 144 20.74 -7.28 -6.39
C ALA B 144 19.88 -7.25 -5.10
N VAL B 145 20.48 -6.93 -3.96
CA VAL B 145 19.79 -6.97 -2.67
C VAL B 145 19.99 -5.70 -1.81
N LYS B 146 18.87 -5.12 -1.36
CA LYS B 146 18.87 -3.93 -0.53
C LYS B 146 18.15 -4.17 0.78
N VAL B 147 18.75 -3.72 1.87
CA VAL B 147 18.18 -3.89 3.20
C VAL B 147 17.94 -2.51 3.81
N TYR B 148 16.84 -2.37 4.55
CA TYR B 148 16.41 -1.09 5.08
C TYR B 148 16.07 -1.11 6.56
N ILE B 149 16.70 -0.22 7.31
CA ILE B 149 16.37 -0.05 8.72
C ILE B 149 15.64 1.26 8.93
N ASN B 150 14.39 1.17 9.38
CA ASN B 150 13.62 2.36 9.71
C ASN B 150 13.55 3.32 8.53
N GLY B 151 13.36 2.76 7.33
CA GLY B 151 13.22 3.55 6.13
C GLY B 151 14.53 3.88 5.46
N VAL B 152 15.63 3.59 6.14
CA VAL B 152 16.96 3.95 5.68
C VAL B 152 17.75 2.74 5.20
N GLU B 153 18.33 2.83 4.02
CA GLU B 153 19.13 1.75 3.46
C GLU B 153 20.41 1.56 4.26
N LYS B 154 20.71 0.31 4.60
CA LYS B 154 21.83 -0.02 5.48
C LYS B 154 22.66 -1.15 4.91
N PHE B 155 22.20 -1.73 3.80
CA PHE B 155 23.01 -2.64 3.04
C PHE B 155 22.62 -2.66 1.56
N SER B 156 23.62 -2.67 0.70
CA SER B 156 23.42 -2.85 -0.73
C SER B 156 24.45 -3.84 -1.28
N GLY B 157 24.00 -4.83 -2.05
CA GLY B 157 24.89 -5.84 -2.61
C GLY B 157 24.29 -6.63 -3.75
N THR B 158 25.11 -7.55 -4.30
CA THR B 158 24.70 -8.40 -5.43
C THR B 158 25.12 -9.86 -5.19
N ASN B 159 24.90 -10.73 -6.18
CA ASN B 159 25.20 -12.15 -6.06
C ASN B 159 24.40 -12.82 -4.92
N PHE B 160 23.27 -12.22 -4.56
CA PHE B 160 22.41 -12.78 -3.51
C PHE B 160 21.76 -14.05 -4.02
N PRO B 161 21.88 -15.15 -3.26
CA PRO B 161 21.43 -16.45 -3.75
C PRO B 161 19.98 -16.46 -4.24
N ASP B 162 19.71 -17.23 -5.28
CA ASP B 162 18.35 -17.39 -5.76
C ASP B 162 17.74 -18.61 -5.09
N VAL B 163 17.30 -18.43 -3.86
CA VAL B 163 16.89 -19.58 -3.08
C VAL B 163 15.52 -20.10 -3.49
N PHE B 164 14.68 -19.22 -4.05
CA PHE B 164 13.24 -19.55 -4.07
C PHE B 164 12.60 -19.82 -5.41
N THR B 165 13.29 -19.55 -6.51
CA THR B 165 12.70 -19.80 -7.82
C THR B 165 12.58 -21.29 -8.07
N GLY B 166 11.38 -21.74 -8.45
CA GLY B 166 11.15 -23.13 -8.78
C GLY B 166 11.03 -24.01 -7.55
N ALA B 167 11.08 -23.38 -6.39
CA ALA B 167 10.99 -24.09 -5.13
C ALA B 167 9.62 -23.92 -4.51
N ASN B 168 9.31 -24.79 -3.57
CA ASN B 168 8.08 -24.71 -2.79
C ASN B 168 8.50 -24.60 -1.34
N ALA B 169 9.31 -23.58 -1.08
CA ALA B 169 10.04 -23.41 0.17
C ALA B 169 9.13 -23.29 1.38
N SER B 170 9.73 -23.46 2.55
CA SER B 170 9.04 -23.34 3.82
C SER B 170 9.31 -21.96 4.40
N PHE B 171 8.28 -21.31 4.90
CA PHE B 171 8.44 -19.97 5.47
C PHE B 171 7.86 -19.90 6.86
N ALA B 172 8.38 -18.97 7.67
CA ALA B 172 7.97 -18.85 9.06
C ALA B 172 8.36 -17.51 9.64
N LEU B 173 7.71 -17.14 10.73
CA LEU B 173 8.06 -15.95 11.51
C LEU B 173 8.52 -16.35 12.92
N GLY B 174 9.77 -16.07 13.24
CA GLY B 174 10.27 -16.23 14.58
C GLY B 174 10.92 -17.55 14.92
N VAL B 175 10.88 -18.49 13.99
CA VAL B 175 11.48 -19.79 14.28
C VAL B 175 12.28 -20.32 13.09
N ASN B 176 13.31 -21.12 13.38
CA ASN B 176 13.97 -21.89 12.34
C ASN B 176 14.21 -23.31 12.85
N TRP B 177 15.32 -23.92 12.43
CA TRP B 177 15.64 -25.28 12.89
C TRP B 177 16.65 -25.34 14.02
N TRP B 178 17.15 -24.18 14.47
CA TRP B 178 18.32 -24.21 15.34
C TRP B 178 18.27 -23.23 16.52
N ASP B 179 17.84 -22.01 16.25
CA ASP B 179 18.03 -20.92 17.20
C ASP B 179 16.79 -20.67 18.05
N PRO B 180 16.98 -20.10 19.26
CA PRO B 180 15.83 -19.81 20.11
C PRO B 180 14.84 -18.93 19.36
N PRO B 181 13.54 -19.16 19.57
CA PRO B 181 12.53 -18.39 18.85
C PRO B 181 12.56 -16.93 19.21
N PHE B 182 12.10 -16.09 18.30
CA PHE B 182 12.03 -14.67 18.56
C PHE B 182 11.09 -14.45 19.74
N LYS B 183 11.46 -13.54 20.63
CA LYS B 183 10.59 -13.18 21.75
C LYS B 183 10.39 -11.69 21.76
N GLY B 184 9.14 -11.29 21.53
CA GLY B 184 8.76 -9.89 21.46
C GLY B 184 7.52 -9.79 20.60
N LEU B 185 7.21 -8.60 20.14
CA LEU B 185 6.06 -8.40 19.25
C LEU B 185 6.48 -8.33 17.77
N ILE B 186 5.65 -8.90 16.90
CA ILE B 186 5.86 -8.80 15.47
C ILE B 186 4.56 -8.32 14.82
N ASP B 187 4.67 -7.32 13.94
CA ASP B 187 3.49 -6.71 13.35
C ASP B 187 3.64 -6.42 11.85
N GLU B 188 2.50 -6.37 11.16
CA GLU B 188 2.40 -5.92 9.77
C GLU B 188 3.38 -6.59 8.80
N LEU B 189 3.30 -7.92 8.69
CA LEU B 189 4.06 -8.59 7.66
C LEU B 189 3.47 -8.23 6.30
N ARG B 190 4.34 -7.96 5.34
CA ARG B 190 3.95 -7.62 3.98
C ARG B 190 4.91 -8.30 3.02
N ILE B 191 4.35 -8.96 2.02
CA ILE B 191 5.14 -9.66 1.01
C ILE B 191 4.86 -9.06 -0.36
N TYR B 192 5.92 -8.90 -1.15
CA TYR B 192 5.80 -8.31 -2.47
C TYR B 192 6.44 -9.19 -3.53
N GLU B 193 6.05 -8.97 -4.78
CA GLU B 193 6.83 -9.41 -5.93
C GLU B 193 7.60 -8.20 -6.44
N GLY B 194 8.84 -8.41 -6.89
CA GLY B 194 9.69 -7.31 -7.30
C GLY B 194 10.24 -6.58 -6.08
N ALA B 195 11.24 -5.73 -6.32
CA ALA B 195 11.93 -5.03 -5.24
C ALA B 195 11.28 -3.69 -4.93
N LEU B 196 11.00 -3.45 -3.65
CA LEU B 196 10.42 -2.18 -3.20
C LEU B 196 11.31 -0.98 -3.51
N THR B 197 10.75 0.02 -4.19
CA THR B 197 11.43 1.29 -4.36
C THR B 197 11.63 1.90 -2.99
N PRO B 198 12.64 2.76 -2.82
CA PRO B 198 12.85 3.32 -1.47
C PRO B 198 11.71 4.25 -1.04
N SER B 199 11.07 4.93 -2.00
CA SER B 199 9.90 5.75 -1.68
C SER B 199 8.75 4.88 -1.15
N GLN B 200 8.68 3.63 -1.59
CA GLN B 200 7.79 2.67 -0.96
C GLN B 200 8.26 2.35 0.48
N VAL B 201 9.57 2.22 0.65
CA VAL B 201 10.13 1.85 1.95
C VAL B 201 9.92 2.94 3.01
N THR B 202 10.09 4.20 2.62
CA THR B 202 9.87 5.30 3.57
C THR B 202 8.42 5.32 4.04
N ASP B 203 7.51 5.08 3.11
CA ASP B 203 6.09 5.08 3.42
C ASP B 203 5.74 3.97 4.41
N LEU B 204 6.41 2.84 4.28
CA LEU B 204 6.16 1.70 5.15
C LEU B 204 6.72 1.91 6.55
N ALA B 205 7.67 2.83 6.68
CA ALA B 205 8.43 3.03 7.92
C ALA B 205 8.09 4.33 8.67
N GLN B 206 7.18 5.13 8.13
CA GLN B 206 6.69 6.32 8.83
C GLN B 206 5.19 6.34 8.79
O5 AHR C . -27.06 20.65 -8.65
C5 AHR C . -28.20 20.29 -7.85
C4 AHR C . -28.63 18.87 -8.17
O4 AHR C . -30.02 18.89 -8.53
C3 AHR C . -28.52 17.97 -6.94
O3 AHR C . -27.48 17.00 -7.14
C2 AHR C . -29.88 17.32 -6.81
O2 AHR C . -30.25 17.18 -5.44
C1 AHR C . -30.80 18.31 -7.48
O1 AHR C . -31.96 17.66 -7.99
O5 AHR C . -25.77 21.48 -12.92
C5 AHR C . -25.80 22.82 -12.48
C4 AHR C . -25.93 22.72 -10.98
O4 AHR C . -26.27 21.37 -10.69
C3 AHR C . -26.99 23.64 -10.43
O3 AHR C . -26.41 24.67 -9.60
C2 AHR C . -27.91 22.74 -9.63
O2 AHR C . -29.21 22.88 -10.17
C1 AHR C . -27.43 21.31 -9.85
O5 AHR C . -24.47 17.54 -15.36
C5 AHR C . -23.26 18.14 -14.89
C4 AHR C . -23.59 19.13 -13.79
O4 AHR C . -24.78 19.82 -14.15
C3 AHR C . -22.51 20.20 -13.59
O3 AHR C . -21.57 19.78 -12.60
C2 AHR C . -23.31 21.41 -13.14
O2 AHR C . -22.71 22.63 -13.58
C1 AHR C . -24.67 21.20 -13.79
O5 AHR D . 28.97 -18.35 10.29
C5 AHR D . 28.11 -17.48 9.59
C4 AHR D . 28.57 -17.63 8.16
O4 AHR D . 29.82 -18.32 8.18
C3 AHR D . 28.80 -16.28 7.53
O3 AHR D . 27.82 -16.12 6.51
C2 AHR D . 30.20 -16.32 6.97
O2 AHR D . 30.88 -15.12 7.31
C1 AHR D . 30.87 -17.52 7.65
O1 AHR D . 31.60 -18.29 6.71
O5 AHR D . 24.79 -20.28 13.24
C5 AHR D . 25.88 -20.71 12.46
C4 AHR D . 27.01 -19.72 12.52
O4 AHR D . 27.07 -19.17 11.21
C3 AHR D . 28.25 -20.53 12.78
O3 AHR D . 28.91 -20.02 13.95
C2 AHR D . 29.09 -20.39 11.52
O2 AHR D . 29.29 -21.67 10.91
C1 AHR D . 28.27 -19.55 10.56
O5 AHR D . 23.28 -22.97 9.18
C5 AHR D . 22.48 -23.01 10.38
C4 AHR D . 22.81 -21.81 11.27
O4 AHR D . 24.02 -22.04 12.00
C3 AHR D . 21.77 -21.50 12.33
O3 AHR D . 20.86 -20.50 11.89
C2 AHR D . 22.54 -20.93 13.51
O2 AHR D . 22.05 -21.45 14.76
C1 AHR D . 23.95 -21.43 13.30
CA CA E . 3.73 12.56 -5.48
CA CA F . -1.01 -4.98 13.20
#